data_7TO7
#
_entry.id   7TO7
#
_cell.length_a   41.862
_cell.length_b   99.277
_cell.length_c   120.608
_cell.angle_alpha   90.000
_cell.angle_beta   90.000
_cell.angle_gamma   90.000
#
_symmetry.space_group_name_H-M   'P 21 21 21'
#
loop_
_entity.id
_entity.type
_entity.pdbx_description
1 polymer 'Bromodomain-containing protein 3'
2 polymer '1xAcK.4xE (monoAcK.4xE)'
3 non-polymer GLYCEROL
4 water water
#
loop_
_entity_poly.entity_id
_entity_poly.type
_entity_poly.pdbx_seq_one_letter_code
_entity_poly.pdbx_strand_id
1 'polypeptide(L)'
;QPLGSEVSNPSKPGRKTNQLQYMQNVVVKTLWKHQFAWPFYQPVDAIKLNLPDYHKIIKNPMDMGTIKKRLENNYYWSAS
ECMQDFNTMFTNCYIYNKPTDDIVLMAQALEKIFLQKVAQMPQEEVEL
;
A,B,D,E
2 'polypeptide(L)' EEALLLA(ALY)LYHFGEE C,F
#
# COMPACT_ATOMS: atom_id res chain seq x y z
N GLY A 14 13.96 1.44 -45.61
CA GLY A 14 13.32 2.61 -45.02
C GLY A 14 13.15 3.73 -46.04
N ARG A 15 12.07 4.51 -45.90
CA ARG A 15 11.70 5.52 -46.87
C ARG A 15 11.39 6.84 -46.19
N LYS A 16 11.40 7.91 -46.96
CA LYS A 16 10.69 9.13 -46.62
C LYS A 16 9.42 9.17 -47.45
N THR A 17 8.26 9.33 -46.79
CA THR A 17 7.00 9.46 -47.49
C THR A 17 6.22 10.65 -46.95
N ASN A 18 5.23 11.08 -47.72
CA ASN A 18 4.35 12.15 -47.26
C ASN A 18 3.72 11.78 -45.91
N GLN A 19 3.29 10.53 -45.76
CA GLN A 19 2.61 10.15 -44.52
C GLN A 19 3.58 10.12 -43.34
N LEU A 20 4.78 9.60 -43.56
CA LEU A 20 5.77 9.57 -42.49
C LEU A 20 6.23 10.97 -42.12
N GLN A 21 6.30 11.87 -43.12
CA GLN A 21 6.52 13.29 -42.84
C GLN A 21 5.44 13.86 -41.94
N TYR A 22 4.18 13.54 -42.25
CA TYR A 22 3.07 13.94 -41.40
C TYR A 22 3.20 13.38 -39.98
N MET A 23 3.61 12.11 -39.85
CA MET A 23 3.76 11.51 -38.52
C MET A 23 4.84 12.22 -37.73
N GLN A 24 5.90 12.65 -38.39
CA GLN A 24 7.02 13.31 -37.70
C GLN A 24 6.67 14.75 -37.36
N ASN A 25 6.14 15.49 -38.32
CA ASN A 25 6.02 16.93 -38.20
C ASN A 25 4.67 17.39 -37.67
N VAL A 26 3.67 16.51 -37.63
CA VAL A 26 2.36 16.84 -37.08
C VAL A 26 2.00 15.96 -35.89
N VAL A 27 2.07 14.64 -36.05
CA VAL A 27 1.60 13.76 -34.98
C VAL A 27 2.57 13.76 -33.79
N VAL A 28 3.84 13.45 -34.06
CA VAL A 28 4.82 13.44 -32.96
C VAL A 28 5.01 14.85 -32.40
N LYS A 29 5.08 15.86 -33.28
CA LYS A 29 5.23 17.24 -32.82
C LYS A 29 4.11 17.61 -31.86
N THR A 30 2.86 17.32 -32.22
CA THR A 30 1.73 17.64 -31.34
C THR A 30 1.79 16.84 -30.04
N LEU A 31 2.04 15.53 -30.14
CA LEU A 31 2.01 14.70 -28.94
C LEU A 31 3.12 15.08 -27.98
N TRP A 32 4.31 15.36 -28.50
CA TRP A 32 5.45 15.65 -27.64
C TRP A 32 5.18 16.84 -26.74
N LYS A 33 4.46 17.85 -27.22
CA LYS A 33 4.17 19.03 -26.40
C LYS A 33 3.09 18.81 -25.36
N HIS A 34 2.34 17.72 -25.44
CA HIS A 34 1.22 17.54 -24.51
C HIS A 34 1.69 17.40 -23.07
N GLN A 35 0.88 17.94 -22.15
CA GLN A 35 1.20 17.94 -20.72
C GLN A 35 1.35 16.53 -20.14
N PHE A 36 0.78 15.51 -20.77
CA PHE A 36 0.84 14.15 -20.26
C PHE A 36 1.79 13.26 -21.07
N ALA A 37 2.57 13.82 -21.99
CA ALA A 37 3.40 13.01 -22.86
C ALA A 37 4.66 12.49 -22.18
N TRP A 38 5.14 13.16 -21.14
CA TRP A 38 6.49 12.92 -20.65
C TRP A 38 6.77 11.48 -20.18
N PRO A 39 5.82 10.70 -19.66
CA PRO A 39 6.17 9.31 -19.31
C PRO A 39 6.47 8.45 -20.52
N PHE A 40 6.20 8.94 -21.72
CA PHE A 40 6.43 8.16 -22.94
C PHE A 40 7.65 8.64 -23.72
N TYR A 41 8.45 9.55 -23.13
CA TYR A 41 9.58 10.14 -23.85
C TYR A 41 10.75 9.17 -24.06
N GLN A 42 10.87 8.12 -23.26
CA GLN A 42 12.05 7.24 -23.29
C GLN A 42 11.62 5.82 -22.91
N PRO A 43 12.43 4.80 -23.27
CA PRO A 43 12.04 3.44 -22.90
C PRO A 43 11.93 3.30 -21.40
N VAL A 44 10.93 2.53 -20.96
CA VAL A 44 10.81 2.15 -19.56
C VAL A 44 12.08 1.43 -19.12
N ASP A 45 12.73 1.95 -18.09
CA ASP A 45 13.91 1.31 -17.52
C ASP A 45 13.43 0.54 -16.30
N ALA A 46 13.21 -0.76 -16.48
CA ALA A 46 12.56 -1.58 -15.48
C ALA A 46 13.40 -1.73 -14.22
N ILE A 47 14.72 -1.77 -14.34
CA ILE A 47 15.57 -1.84 -13.16
C ILE A 47 15.55 -0.51 -12.41
N LYS A 48 15.77 0.59 -13.12
CA LYS A 48 15.87 1.88 -12.45
C LYS A 48 14.56 2.26 -11.77
N LEU A 49 13.43 2.00 -12.40
CA LEU A 49 12.13 2.40 -11.86
C LEU A 49 11.55 1.34 -10.91
N ASN A 50 12.24 0.22 -10.70
CA ASN A 50 11.83 -0.82 -9.76
C ASN A 50 10.54 -1.49 -10.21
N LEU A 51 10.52 -1.99 -11.45
CA LEU A 51 9.39 -2.70 -12.05
C LEU A 51 9.85 -4.08 -12.48
N PRO A 52 10.13 -4.98 -11.53
CA PRO A 52 10.85 -6.22 -11.89
C PRO A 52 10.06 -7.19 -12.77
N ASP A 53 8.74 -7.04 -12.89
CA ASP A 53 7.98 -7.93 -13.76
C ASP A 53 7.77 -7.35 -15.16
N TYR A 54 8.25 -6.13 -15.41
CA TYR A 54 7.88 -5.41 -16.62
C TYR A 54 8.16 -6.23 -17.88
N HIS A 55 9.38 -6.78 -18.00
CA HIS A 55 9.76 -7.51 -19.21
C HIS A 55 9.23 -8.94 -19.26
N LYS A 56 8.71 -9.47 -18.16
CA LYS A 56 7.94 -10.71 -18.24
C LYS A 56 6.53 -10.48 -18.75
N ILE A 57 6.02 -9.25 -18.68
CA ILE A 57 4.66 -8.91 -19.09
C ILE A 57 4.64 -8.23 -20.45
N ILE A 58 5.62 -7.36 -20.72
CA ILE A 58 5.76 -6.63 -21.97
C ILE A 58 6.90 -7.25 -22.78
N LYS A 59 6.57 -7.91 -23.88
CA LYS A 59 7.63 -8.55 -24.66
C LYS A 59 8.22 -7.63 -25.73
N ASN A 60 7.49 -6.60 -26.13
CA ASN A 60 7.91 -5.70 -27.19
C ASN A 60 7.78 -4.27 -26.68
N PRO A 61 8.79 -3.75 -26.01
CA PRO A 61 8.73 -2.37 -25.52
C PRO A 61 8.69 -1.37 -26.65
N MET A 62 8.02 -0.24 -26.40
CA MET A 62 8.04 0.85 -27.36
C MET A 62 7.74 2.15 -26.62
N ASP A 63 8.29 3.25 -27.14
CA ASP A 63 8.11 4.56 -26.54
C ASP A 63 8.19 5.62 -27.63
N MET A 64 7.71 6.82 -27.31
CA MET A 64 7.63 7.87 -28.32
C MET A 64 9.00 8.44 -28.67
N GLY A 65 9.98 8.38 -27.76
CA GLY A 65 11.32 8.78 -28.14
C GLY A 65 11.93 7.86 -29.19
N THR A 66 11.72 6.55 -29.04
CA THR A 66 12.14 5.61 -30.07
C THR A 66 11.41 5.85 -31.39
N ILE A 67 10.11 6.11 -31.34
CA ILE A 67 9.37 6.45 -32.56
C ILE A 67 9.97 7.69 -33.22
N LYS A 68 10.21 8.73 -32.42
CA LYS A 68 10.76 9.96 -32.98
C LYS A 68 12.11 9.73 -33.66
N LYS A 69 12.99 8.94 -33.02
CA LYS A 69 14.28 8.63 -33.65
C LYS A 69 14.10 7.83 -34.93
N ARG A 70 13.14 6.90 -34.94
CA ARG A 70 12.93 6.08 -36.12
C ARG A 70 12.47 6.92 -37.31
N LEU A 71 11.58 7.88 -37.04
CA LEU A 71 11.21 8.86 -38.07
C LEU A 71 12.43 9.66 -38.53
N GLU A 72 13.30 10.05 -37.59
CA GLU A 72 14.42 10.93 -37.90
C GLU A 72 15.51 10.19 -38.68
N ASN A 73 15.64 8.89 -38.47
CA ASN A 73 16.62 8.06 -39.17
C ASN A 73 16.03 7.32 -40.37
N ASN A 74 14.82 7.67 -40.81
CA ASN A 74 14.14 7.02 -41.92
C ASN A 74 14.14 5.49 -41.77
N TYR A 75 13.74 5.04 -40.59
CA TYR A 75 13.68 3.62 -40.28
C TYR A 75 12.47 2.96 -40.92
N TYR A 76 11.33 3.64 -40.96
CA TYR A 76 10.10 3.04 -41.44
C TYR A 76 10.05 3.01 -42.96
N TRP A 77 9.51 1.94 -43.50
CA TRP A 77 9.15 1.93 -44.91
C TRP A 77 7.76 2.53 -45.15
N SER A 78 6.88 2.46 -44.16
CA SER A 78 5.52 2.98 -44.30
C SER A 78 5.04 3.57 -42.99
N ALA A 79 4.16 4.57 -43.09
CA ALA A 79 3.51 5.11 -41.89
C ALA A 79 2.67 4.06 -41.17
N SER A 80 2.22 3.02 -41.90
CA SER A 80 1.57 1.90 -41.23
C SER A 80 2.41 1.34 -40.08
N GLU A 81 3.72 1.22 -40.29
CA GLU A 81 4.63 0.69 -39.27
C GLU A 81 4.79 1.65 -38.12
N CYS A 82 4.80 2.95 -38.41
CA CYS A 82 4.87 3.94 -37.36
C CYS A 82 3.63 3.89 -36.48
N MET A 83 2.45 3.77 -37.10
CA MET A 83 1.22 3.66 -36.32
C MET A 83 1.19 2.38 -35.49
N GLN A 84 1.73 1.27 -36.01
CA GLN A 84 1.82 0.07 -35.18
C GLN A 84 2.66 0.33 -33.94
N ASP A 85 3.78 1.05 -34.10
CA ASP A 85 4.63 1.37 -32.95
C ASP A 85 3.86 2.16 -31.90
N PHE A 86 3.07 3.15 -32.33
CA PHE A 86 2.21 3.84 -31.37
C PHE A 86 1.24 2.87 -30.71
N ASN A 87 0.60 2.01 -31.50
CA ASN A 87 -0.32 1.05 -30.92
C ASN A 87 0.37 0.19 -29.86
N THR A 88 1.60 -0.26 -30.15
CA THR A 88 2.36 -1.07 -29.20
C THR A 88 2.63 -0.29 -27.92
N MET A 89 3.05 0.97 -28.05
CA MET A 89 3.33 1.79 -26.87
C MET A 89 2.09 1.93 -26.00
N PHE A 90 0.95 2.30 -26.61
CA PHE A 90 -0.28 2.52 -25.85
C PHE A 90 -0.76 1.23 -25.21
N THR A 91 -0.80 0.16 -26.01
N THR A 91 -0.80 0.13 -25.99
CA THR A 91 -1.26 -1.14 -25.55
CA THR A 91 -1.33 -1.11 -25.44
C THR A 91 -0.38 -1.68 -24.43
C THR A 91 -0.38 -1.74 -24.43
N ASN A 92 0.93 -1.51 -24.54
CA ASN A 92 1.85 -1.91 -23.47
C ASN A 92 1.46 -1.23 -22.16
N CYS A 93 1.10 0.04 -22.23
CA CYS A 93 0.72 0.76 -21.03
C CYS A 93 -0.56 0.18 -20.42
N TYR A 94 -1.56 -0.09 -21.27
CA TYR A 94 -2.81 -0.64 -20.78
C TYR A 94 -2.64 -2.05 -20.22
N ILE A 95 -1.74 -2.85 -20.79
CA ILE A 95 -1.53 -4.20 -20.28
C ILE A 95 -0.77 -4.16 -18.95
N TYR A 96 0.31 -3.39 -18.89
CA TYR A 96 1.15 -3.44 -17.67
C TYR A 96 0.45 -2.83 -16.47
N ASN A 97 -0.31 -1.76 -16.68
CA ASN A 97 -0.85 -0.95 -15.60
C ASN A 97 -2.35 -1.20 -15.41
N LYS A 98 -2.83 -0.78 -14.24
CA LYS A 98 -4.24 -0.95 -13.91
C LYS A 98 -5.08 0.10 -14.62
N PRO A 99 -6.31 -0.23 -15.02
CA PRO A 99 -7.14 0.72 -15.76
C PRO A 99 -7.35 2.05 -15.06
N THR A 100 -7.15 2.14 -13.74
CA THR A 100 -7.33 3.38 -13.02
C THR A 100 -6.02 4.07 -12.67
N ASP A 101 -4.88 3.49 -13.04
CA ASP A 101 -3.61 4.14 -12.80
C ASP A 101 -3.55 5.46 -13.56
N ASP A 102 -2.84 6.42 -12.98
CA ASP A 102 -2.75 7.73 -13.61
C ASP A 102 -2.12 7.64 -15.00
N ILE A 103 -1.11 6.78 -15.16
CA ILE A 103 -0.42 6.72 -16.44
C ILE A 103 -1.35 6.19 -17.53
N VAL A 104 -2.34 5.39 -17.15
CA VAL A 104 -3.31 4.90 -18.11
C VAL A 104 -4.22 6.04 -18.58
N LEU A 105 -4.64 6.91 -17.66
CA LEU A 105 -5.42 8.07 -18.09
C LEU A 105 -4.58 9.00 -18.97
N MET A 106 -3.28 9.10 -18.72
CA MET A 106 -2.42 9.88 -19.60
C MET A 106 -2.37 9.25 -20.99
N ALA A 107 -2.15 7.93 -21.06
CA ALA A 107 -2.10 7.23 -22.34
C ALA A 107 -3.39 7.44 -23.14
N GLN A 108 -4.53 7.42 -22.45
CA GLN A 108 -5.82 7.61 -23.13
C GLN A 108 -5.94 9.02 -23.68
N ALA A 109 -5.49 10.02 -22.92
CA ALA A 109 -5.50 11.40 -23.44
C ALA A 109 -4.66 11.52 -24.70
N LEU A 110 -3.44 10.96 -24.68
CA LEU A 110 -2.58 11.05 -25.86
C LEU A 110 -3.15 10.24 -27.01
N GLU A 111 -3.70 9.05 -26.74
CA GLU A 111 -4.24 8.26 -27.83
C GLU A 111 -5.42 8.97 -28.49
N LYS A 112 -6.16 9.76 -27.71
CA LYS A 112 -7.26 10.54 -28.27
C LYS A 112 -6.76 11.58 -29.27
N ILE A 113 -5.68 12.26 -28.93
CA ILE A 113 -5.08 13.24 -29.84
C ILE A 113 -4.42 12.54 -31.01
N PHE A 114 -3.77 11.40 -30.74
CA PHE A 114 -3.23 10.58 -31.81
C PHE A 114 -4.30 10.29 -32.86
N LEU A 115 -5.48 9.84 -32.40
CA LEU A 115 -6.58 9.50 -33.32
C LEU A 115 -7.05 10.71 -34.13
N GLN A 116 -7.17 11.89 -33.51
CA GLN A 116 -7.64 13.04 -34.28
C GLN A 116 -6.61 13.48 -35.32
N LYS A 117 -5.32 13.36 -35.03
CA LYS A 117 -4.32 13.73 -36.02
C LYS A 117 -4.24 12.71 -37.16
N VAL A 118 -4.34 11.42 -36.84
CA VAL A 118 -4.26 10.42 -37.91
C VAL A 118 -5.43 10.54 -38.87
N ALA A 119 -6.59 10.98 -38.37
CA ALA A 119 -7.76 11.13 -39.23
C ALA A 119 -7.52 12.13 -40.35
N GLN A 120 -6.66 13.12 -40.11
CA GLN A 120 -6.31 14.13 -41.10
C GLN A 120 -5.04 13.81 -41.89
N MET A 121 -4.49 12.61 -41.72
CA MET A 121 -3.34 12.23 -42.53
C MET A 121 -3.74 12.07 -43.99
N PRO A 122 -2.90 12.45 -44.93
CA PRO A 122 -3.21 12.18 -46.35
C PRO A 122 -3.43 10.70 -46.58
N GLN A 123 -4.43 10.37 -47.39
CA GLN A 123 -4.89 8.99 -47.48
C GLN A 123 -3.96 8.15 -48.34
N GLU A 124 -3.26 8.76 -49.28
CA GLU A 124 -2.36 8.04 -50.18
C GLU A 124 -0.92 8.29 -49.75
N GLU A 125 -0.14 7.21 -49.64
CA GLU A 125 1.27 7.28 -49.27
C GLU A 125 2.14 7.29 -50.52
N VAL A 126 2.96 8.33 -50.66
CA VAL A 126 3.85 8.49 -51.79
C VAL A 126 5.25 8.76 -51.27
N GLU A 127 6.24 8.10 -51.87
CA GLU A 127 7.62 8.31 -51.43
C GLU A 127 8.12 9.68 -51.88
N LEU A 128 8.82 10.36 -50.97
CA LEU A 128 9.56 11.56 -51.32
C LEU A 128 10.91 11.05 -51.79
N VAL B 7 -20.64 26.47 38.20
CA VAL B 7 -20.11 25.91 36.97
C VAL B 7 -18.88 25.04 37.28
N SER B 8 -19.05 23.72 37.16
CA SER B 8 -17.99 22.81 37.55
C SER B 8 -16.97 22.60 36.43
N ASN B 9 -17.37 22.78 35.17
CA ASN B 9 -16.52 22.46 34.03
C ASN B 9 -16.72 23.48 32.93
N PRO B 10 -16.06 24.64 33.02
CA PRO B 10 -16.17 25.65 31.97
C PRO B 10 -15.32 25.30 30.75
N SER B 11 -15.70 24.23 30.06
CA SER B 11 -14.99 23.82 28.86
C SER B 11 -15.60 24.47 27.62
N LYS B 12 -14.86 24.46 26.52
CA LYS B 12 -15.39 24.92 25.24
C LYS B 12 -14.75 24.11 24.13
N PRO B 13 -15.41 24.02 22.96
CA PRO B 13 -14.92 23.12 21.92
C PRO B 13 -13.57 23.57 21.35
N GLY B 14 -12.70 22.59 21.13
CA GLY B 14 -11.41 22.90 20.53
C GLY B 14 -11.57 23.61 19.19
N ARG B 15 -10.73 24.61 18.96
CA ARG B 15 -10.79 25.37 17.73
C ARG B 15 -9.38 25.74 17.29
N LYS B 16 -9.21 25.92 15.99
CA LYS B 16 -7.93 26.36 15.50
C LYS B 16 -7.82 27.88 15.61
N THR B 17 -6.59 28.36 15.68
CA THR B 17 -6.36 29.78 15.54
C THR B 17 -6.75 30.26 14.14
N ASN B 18 -6.93 31.57 14.00
CA ASN B 18 -7.24 32.09 12.68
C ASN B 18 -6.11 31.83 11.69
N GLN B 19 -4.85 31.86 12.16
CA GLN B 19 -3.74 31.58 11.27
C GLN B 19 -3.68 30.12 10.89
N LEU B 20 -4.03 29.22 11.83
CA LEU B 20 -4.01 27.80 11.53
C LEU B 20 -5.16 27.43 10.60
N GLN B 21 -6.33 28.02 10.81
CA GLN B 21 -7.43 27.84 9.88
C GLN B 21 -7.04 28.32 8.49
N TYR B 22 -6.33 29.46 8.43
CA TYR B 22 -5.86 29.99 7.14
C TYR B 22 -4.90 29.03 6.46
N MET B 23 -3.95 28.46 7.22
CA MET B 23 -3.03 27.48 6.65
C MET B 23 -3.79 26.32 6.01
N GLN B 24 -4.86 25.86 6.67
CA GLN B 24 -5.58 24.68 6.18
C GLN B 24 -6.44 25.01 4.98
N ASN B 25 -7.37 25.97 5.14
CA ASN B 25 -8.36 26.27 4.13
C ASN B 25 -7.84 27.12 2.98
N VAL B 26 -6.68 27.77 3.13
CA VAL B 26 -6.15 28.60 2.06
C VAL B 26 -4.81 28.06 1.56
N VAL B 27 -3.82 27.95 2.44
CA VAL B 27 -2.46 27.65 1.98
C VAL B 27 -2.38 26.23 1.45
N VAL B 28 -2.85 25.25 2.23
CA VAL B 28 -2.72 23.86 1.82
C VAL B 28 -3.71 23.54 0.69
N LYS B 29 -4.92 24.08 0.78
CA LYS B 29 -5.89 23.88 -0.30
C LYS B 29 -5.33 24.36 -1.64
N THR B 30 -4.73 25.55 -1.65
CA THR B 30 -4.17 26.10 -2.88
C THR B 30 -3.03 25.25 -3.40
N LEU B 31 -2.14 24.82 -2.51
CA LEU B 31 -1.00 24.03 -2.94
C LEU B 31 -1.42 22.65 -3.40
N TRP B 32 -2.37 22.03 -2.70
CA TRP B 32 -2.82 20.68 -3.08
C TRP B 32 -3.40 20.69 -4.49
N LYS B 33 -4.07 21.78 -4.87
CA LYS B 33 -4.68 21.91 -6.18
C LYS B 33 -3.69 22.27 -7.28
N HIS B 34 -2.43 22.54 -6.94
CA HIS B 34 -1.47 22.96 -7.95
C HIS B 34 -1.03 21.78 -8.81
N GLN B 35 -0.71 22.07 -10.09
CA GLN B 35 -0.41 21.02 -11.06
C GLN B 35 0.85 20.26 -10.71
N PHE B 36 1.78 20.88 -9.98
CA PHE B 36 3.07 20.29 -9.67
C PHE B 36 3.16 19.82 -8.23
N ALA B 37 2.04 19.76 -7.50
CA ALA B 37 2.09 19.37 -6.12
C ALA B 37 2.13 17.86 -5.92
N TRP B 38 1.70 17.07 -6.90
CA TRP B 38 1.54 15.63 -6.68
C TRP B 38 2.79 14.87 -6.20
N PRO B 39 4.04 15.25 -6.50
CA PRO B 39 5.16 14.52 -5.88
C PRO B 39 5.24 14.69 -4.38
N PHE B 40 4.45 15.60 -3.80
CA PHE B 40 4.55 15.94 -2.38
C PHE B 40 3.34 15.48 -1.59
N TYR B 41 2.47 14.66 -2.18
CA TYR B 41 1.25 14.20 -1.52
C TYR B 41 1.53 13.15 -0.45
N GLN B 42 2.59 12.36 -0.59
CA GLN B 42 2.82 11.23 0.30
C GLN B 42 4.29 11.19 0.70
N PRO B 43 4.61 10.53 1.81
CA PRO B 43 6.02 10.38 2.18
C PRO B 43 6.81 9.67 1.08
N VAL B 44 8.05 10.13 0.91
CA VAL B 44 8.98 9.47 -0.02
C VAL B 44 9.22 8.04 0.42
N ASP B 45 8.96 7.08 -0.49
CA ASP B 45 9.23 5.67 -0.22
C ASP B 45 10.53 5.30 -0.92
N ALA B 46 11.64 5.35 -0.17
CA ALA B 46 12.96 5.20 -0.76
C ALA B 46 13.18 3.82 -1.33
N ILE B 47 12.55 2.80 -0.74
CA ILE B 47 12.66 1.44 -1.29
C ILE B 47 11.90 1.34 -2.60
N LYS B 48 10.60 1.69 -2.58
CA LYS B 48 9.80 1.60 -3.79
C LYS B 48 10.38 2.44 -4.92
N LEU B 49 10.83 3.65 -4.61
CA LEU B 49 11.33 4.59 -5.61
C LEU B 49 12.81 4.38 -5.93
N ASN B 50 13.46 3.40 -5.33
CA ASN B 50 14.87 3.09 -5.62
C ASN B 50 15.73 4.35 -5.44
N LEU B 51 15.75 4.85 -4.21
CA LEU B 51 16.42 6.11 -3.95
C LEU B 51 17.61 5.86 -3.05
N PRO B 52 18.83 5.97 -3.56
CA PRO B 52 20.02 5.65 -2.75
C PRO B 52 20.26 6.72 -1.68
N ASP B 53 20.44 6.26 -0.45
CA ASP B 53 20.90 7.09 0.66
C ASP B 53 19.86 8.11 1.11
N TYR B 54 18.56 7.87 0.84
CA TYR B 54 17.58 8.91 1.14
C TYR B 54 17.49 9.20 2.63
N HIS B 55 17.37 8.15 3.46
CA HIS B 55 17.22 8.37 4.89
C HIS B 55 18.56 8.67 5.56
N LYS B 56 19.65 8.38 4.88
CA LYS B 56 20.96 8.81 5.37
C LYS B 56 21.09 10.33 5.31
N ILE B 57 20.63 10.93 4.20
CA ILE B 57 20.74 12.36 3.95
C ILE B 57 19.56 13.14 4.54
N ILE B 58 18.35 12.58 4.48
CA ILE B 58 17.13 13.27 4.86
C ILE B 58 16.67 12.63 6.16
N LYS B 59 16.99 13.27 7.28
CA LYS B 59 16.70 12.66 8.57
C LYS B 59 15.36 13.07 9.15
N ASN B 60 14.73 14.14 8.63
CA ASN B 60 13.40 14.59 9.08
C ASN B 60 12.48 14.63 7.88
N PRO B 61 11.96 13.48 7.43
CA PRO B 61 11.07 13.46 6.27
C PRO B 61 9.79 14.24 6.52
N MET B 62 9.27 14.87 5.47
CA MET B 62 8.01 15.59 5.58
C MET B 62 7.34 15.62 4.22
N ASP B 63 6.01 15.66 4.22
CA ASP B 63 5.26 15.72 2.97
C ASP B 63 3.94 16.43 3.24
N MET B 64 3.27 16.82 2.16
CA MET B 64 2.02 17.57 2.29
C MET B 64 0.89 16.71 2.82
N GLY B 65 0.89 15.41 2.50
CA GLY B 65 -0.11 14.53 3.08
C GLY B 65 -0.07 14.55 4.60
N THR B 66 1.14 14.54 5.16
CA THR B 66 1.31 14.58 6.60
C THR B 66 0.88 15.93 7.17
N ILE B 67 1.22 17.02 6.47
CA ILE B 67 0.80 18.34 6.92
C ILE B 67 -0.74 18.44 6.88
N LYS B 68 -1.34 18.00 5.77
CA LYS B 68 -2.80 17.98 5.66
C LYS B 68 -3.43 17.24 6.83
N LYS B 69 -2.92 16.03 7.13
CA LYS B 69 -3.56 15.23 8.17
C LYS B 69 -3.30 15.79 9.56
N ARG B 70 -2.11 16.35 9.79
CA ARG B 70 -1.86 16.95 11.09
C ARG B 70 -2.81 18.11 11.34
N LEU B 71 -3.21 18.80 10.27
CA LEU B 71 -4.22 19.85 10.38
C LEU B 71 -5.60 19.26 10.68
N GLU B 72 -6.01 18.26 9.90
CA GLU B 72 -7.34 17.69 10.10
C GLU B 72 -7.45 16.95 11.42
N ASN B 73 -6.34 16.45 11.97
CA ASN B 73 -6.36 15.75 13.24
C ASN B 73 -5.95 16.64 14.41
N ASN B 74 -5.84 17.95 14.20
CA ASN B 74 -5.53 18.91 15.26
C ASN B 74 -4.18 18.64 15.91
N TYR B 75 -3.22 18.14 15.14
CA TYR B 75 -1.88 17.94 15.69
C TYR B 75 -1.22 19.27 16.02
N TYR B 76 -1.41 20.27 15.16
CA TYR B 76 -0.81 21.57 15.37
C TYR B 76 -1.52 22.33 16.48
N TRP B 77 -0.74 23.09 17.24
CA TRP B 77 -1.29 24.08 18.13
C TRP B 77 -0.93 25.50 17.71
N SER B 78 -0.07 25.67 16.71
CA SER B 78 0.29 27.01 16.24
C SER B 78 0.65 26.93 14.76
N ALA B 79 0.28 27.98 14.01
CA ALA B 79 0.59 28.00 12.58
C ALA B 79 2.08 27.96 12.31
N SER B 80 2.92 28.46 13.23
CA SER B 80 4.34 28.44 13.01
C SER B 80 4.87 27.01 12.85
N GLU B 81 4.32 26.05 13.60
CA GLU B 81 4.72 24.67 13.42
C GLU B 81 4.37 24.16 12.01
N CYS B 82 3.23 24.59 11.49
CA CYS B 82 2.84 24.14 10.16
C CYS B 82 3.76 24.72 9.11
N MET B 83 4.15 26.00 9.27
CA MET B 83 5.10 26.61 8.35
C MET B 83 6.44 25.92 8.41
N GLN B 84 6.87 25.51 9.61
CA GLN B 84 8.14 24.80 9.73
C GLN B 84 8.09 23.46 8.99
N ASP B 85 6.98 22.73 9.08
CA ASP B 85 6.86 21.49 8.33
C ASP B 85 6.94 21.75 6.83
N PHE B 86 6.35 22.86 6.36
CA PHE B 86 6.42 23.15 4.93
C PHE B 86 7.85 23.43 4.51
N ASN B 87 8.60 24.16 5.34
CA ASN B 87 9.98 24.46 4.99
C ASN B 87 10.83 23.21 5.03
N THR B 88 10.55 22.29 5.97
CA THR B 88 11.27 21.02 5.96
C THR B 88 11.01 20.26 4.67
N MET B 89 9.76 20.27 4.20
CA MET B 89 9.42 19.55 2.98
C MET B 89 10.22 20.09 1.80
N PHE B 90 10.17 21.40 1.60
CA PHE B 90 10.85 22.02 0.47
C PHE B 90 12.35 21.80 0.55
N THR B 91 12.93 22.03 1.73
N THR B 91 12.95 22.03 1.73
CA THR B 91 14.38 21.98 1.86
CA THR B 91 14.41 21.97 1.79
C THR B 91 14.91 20.56 1.65
C THR B 91 14.92 20.54 1.64
N ASN B 92 14.20 19.55 2.19
CA ASN B 92 14.57 18.16 1.93
C ASN B 92 14.68 17.88 0.44
N CYS B 93 13.73 18.40 -0.33
CA CYS B 93 13.75 18.16 -1.76
C CYS B 93 14.92 18.89 -2.42
N TYR B 94 15.26 20.09 -1.93
CA TYR B 94 16.39 20.86 -2.48
C TYR B 94 17.71 20.19 -2.13
N ILE B 95 17.79 19.61 -0.94
CA ILE B 95 19.02 18.99 -0.45
C ILE B 95 19.32 17.72 -1.21
N TYR B 96 18.30 16.88 -1.41
CA TYR B 96 18.56 15.52 -1.86
C TYR B 96 18.72 15.45 -3.37
N ASN B 97 17.92 16.20 -4.12
CA ASN B 97 17.92 16.12 -5.57
C ASN B 97 18.90 17.10 -6.19
N LYS B 98 19.25 16.83 -7.44
CA LYS B 98 20.13 17.74 -8.15
C LYS B 98 19.38 19.02 -8.52
N PRO B 99 20.08 20.15 -8.53
CA PRO B 99 19.39 21.44 -8.73
C PRO B 99 18.68 21.56 -10.08
N THR B 100 19.10 20.81 -11.09
CA THR B 100 18.41 20.90 -12.37
C THR B 100 17.19 19.98 -12.46
N ASP B 101 17.01 19.06 -11.51
CA ASP B 101 15.92 18.09 -11.56
C ASP B 101 14.55 18.77 -11.56
N ASP B 102 13.64 18.24 -12.38
CA ASP B 102 12.28 18.77 -12.46
C ASP B 102 11.63 18.88 -11.07
N ILE B 103 11.85 17.88 -10.22
CA ILE B 103 11.14 17.88 -8.94
C ILE B 103 11.57 19.06 -8.08
N VAL B 104 12.78 19.56 -8.27
CA VAL B 104 13.23 20.76 -7.55
C VAL B 104 12.51 21.99 -8.08
N LEU B 105 12.44 22.15 -9.40
N LEU B 105 12.45 22.15 -9.40
CA LEU B 105 11.70 23.26 -9.97
CA LEU B 105 11.70 23.25 -9.99
C LEU B 105 10.22 23.19 -9.61
C LEU B 105 10.23 23.19 -9.59
N MET B 106 9.68 21.99 -9.46
CA MET B 106 8.31 21.85 -8.97
C MET B 106 8.20 22.31 -7.53
N ALA B 107 9.14 21.86 -6.68
CA ALA B 107 9.17 22.32 -5.30
C ALA B 107 9.27 23.83 -5.23
N GLN B 108 10.17 24.42 -6.03
CA GLN B 108 10.36 25.87 -6.03
C GLN B 108 9.08 26.60 -6.42
N ALA B 109 8.36 26.07 -7.42
CA ALA B 109 7.13 26.71 -7.84
C ALA B 109 6.11 26.70 -6.70
N LEU B 110 6.00 25.57 -6.00
CA LEU B 110 5.08 25.48 -4.87
C LEU B 110 5.51 26.41 -3.73
N GLU B 111 6.80 26.51 -3.45
CA GLU B 111 7.24 27.36 -2.36
C GLU B 111 6.91 28.81 -2.64
N LYS B 112 6.99 29.23 -3.91
CA LYS B 112 6.67 30.61 -4.24
C LYS B 112 5.22 30.92 -3.91
N ILE B 113 4.31 30.02 -4.31
CA ILE B 113 2.90 30.17 -3.99
C ILE B 113 2.69 30.09 -2.48
N PHE B 114 3.45 29.23 -1.81
CA PHE B 114 3.39 29.15 -0.36
C PHE B 114 3.81 30.46 0.29
N LEU B 115 4.94 31.03 -0.14
CA LEU B 115 5.40 32.31 0.41
C LEU B 115 4.41 33.42 0.10
N GLN B 116 3.83 33.40 -1.11
CA GLN B 116 2.84 34.41 -1.49
C GLN B 116 1.58 34.31 -0.63
N LYS B 117 1.12 33.08 -0.38
CA LYS B 117 -0.09 32.90 0.43
C LYS B 117 0.15 33.26 1.88
N VAL B 118 1.33 32.94 2.42
CA VAL B 118 1.64 33.28 3.80
C VAL B 118 1.73 34.79 3.98
N ALA B 119 2.11 35.51 2.93
CA ALA B 119 2.12 36.97 3.01
C ALA B 119 0.71 37.53 3.20
N GLN B 120 -0.27 36.98 2.48
CA GLN B 120 -1.68 37.35 2.58
C GLN B 120 -2.29 37.03 3.95
N MET B 121 -1.53 36.41 4.83
CA MET B 121 -2.12 35.89 6.07
C MET B 121 -2.20 36.99 7.14
N PRO B 122 -3.31 37.03 7.91
CA PRO B 122 -3.53 37.88 9.09
C PRO B 122 -2.28 38.11 9.94
N GLU C 2 0.91 6.60 -6.20
N GLU C 2 14.49 13.35 -13.72
CA GLU C 2 1.27 6.74 -7.60
CA GLU C 2 14.04 12.38 -14.72
C GLU C 2 2.72 6.28 -7.84
C GLU C 2 13.44 11.14 -14.06
N ALA C 3 2.93 4.98 -7.67
N ALA C 3 14.31 10.22 -13.62
CA ALA C 3 4.27 4.40 -7.68
CA ALA C 3 13.86 8.92 -13.16
C ALA C 3 4.99 4.70 -8.99
C ALA C 3 12.97 9.02 -11.93
N LEU C 4 4.38 4.28 -10.12
N LEU C 4 13.28 9.95 -11.02
CA LEU C 4 5.07 4.33 -11.39
CA LEU C 4 12.56 9.97 -9.75
C LEU C 4 5.36 5.75 -11.83
C LEU C 4 11.10 10.40 -9.94
N LEU C 5 4.36 6.63 -11.78
N LEU C 5 10.86 11.35 -10.83
CA LEU C 5 4.55 8.01 -12.24
CA LEU C 5 9.47 11.70 -11.15
C LEU C 5 5.62 8.72 -11.40
C LEU C 5 8.75 10.53 -11.82
N LEU C 6 5.63 8.50 -10.09
N LEU C 6 9.43 9.85 -12.75
CA LEU C 6 6.62 9.15 -9.24
CA LEU C 6 8.87 8.67 -13.40
C LEU C 6 8.04 8.68 -9.59
C LEU C 6 8.53 7.59 -12.38
N ALA C 7 8.21 7.39 -9.85
N ALA C 7 9.45 7.33 -11.46
CA ALA C 7 9.53 6.84 -10.18
CA ALA C 7 9.22 6.32 -10.42
C ALA C 7 10.14 7.49 -11.42
C ALA C 7 8.04 6.70 -9.51
N LEU C 9 9.42 10.39 -12.74
N LEU C 9 5.50 8.47 -10.28
CA LEU C 9 9.76 11.78 -12.45
CA LEU C 9 4.30 8.29 -11.10
C LEU C 9 11.13 11.90 -11.78
C LEU C 9 3.85 6.83 -11.13
N TYR C 10 11.34 11.07 -10.76
N TYR C 10 4.80 5.94 -11.39
CA TYR C 10 12.60 11.09 -10.01
CA TYR C 10 4.49 4.51 -11.42
C TYR C 10 13.77 10.67 -10.88
C TYR C 10 4.05 4.00 -10.05
N HIS C 11 13.58 9.61 -11.65
N HIS C 11 4.70 4.46 -8.98
CA HIS C 11 14.68 9.12 -12.48
CA HIS C 11 4.44 3.98 -7.63
C HIS C 11 14.63 9.71 -13.87
C HIS C 11 3.53 4.92 -6.84
N PHE C 12 14.33 11.01 -13.88
N PHE C 12 2.76 5.77 -7.51
CA PHE C 12 14.38 11.92 -15.01
CA PHE C 12 1.87 6.71 -6.81
C PHE C 12 13.49 11.48 -16.17
C PHE C 12 0.77 5.99 -6.03
N GLY D 4 -25.18 -1.34 62.66
CA GLY D 4 -25.89 -1.75 61.47
C GLY D 4 -26.10 -0.63 60.47
N SER D 5 -27.23 -0.67 59.78
CA SER D 5 -27.64 0.32 58.78
C SER D 5 -26.80 0.26 57.50
N GLU D 6 -27.11 -0.72 56.67
CA GLU D 6 -26.58 -0.82 55.33
C GLU D 6 -27.54 -0.16 54.34
N VAL D 7 -27.01 0.08 53.14
CA VAL D 7 -27.70 0.80 52.08
C VAL D 7 -27.46 0.04 50.79
N SER D 8 -28.30 0.29 49.80
CA SER D 8 -28.14 -0.35 48.50
C SER D 8 -27.32 0.52 47.54
N PRO D 13 -18.26 0.19 41.84
CA PRO D 13 -17.00 -0.57 41.83
C PRO D 13 -15.77 0.34 41.88
N GLY D 14 -15.55 1.10 40.81
CA GLY D 14 -14.38 1.94 40.71
C GLY D 14 -14.73 3.39 40.49
N ARG D 15 -13.76 4.19 40.07
CA ARG D 15 -14.00 5.59 39.76
C ARG D 15 -13.83 5.85 38.27
N LYS D 16 -14.22 7.05 37.87
CA LYS D 16 -13.87 7.62 36.57
C LYS D 16 -12.82 8.69 36.84
N THR D 17 -11.58 8.48 36.37
CA THR D 17 -10.50 9.43 36.58
C THR D 17 -9.93 9.94 35.26
N ASN D 18 -9.19 11.05 35.34
CA ASN D 18 -8.63 11.63 34.14
C ASN D 18 -7.62 10.69 33.48
N GLN D 19 -6.87 9.93 34.29
CA GLN D 19 -5.93 8.97 33.71
C GLN D 19 -6.64 7.76 33.12
N LEU D 20 -7.67 7.25 33.80
CA LEU D 20 -8.45 6.15 33.26
C LEU D 20 -9.13 6.56 31.96
N GLN D 21 -9.63 7.79 31.89
CA GLN D 21 -10.22 8.28 30.64
C GLN D 21 -9.17 8.36 29.53
N TYR D 22 -7.95 8.72 29.88
CA TYR D 22 -6.88 8.74 28.89
C TYR D 22 -6.57 7.33 28.39
N MET D 23 -6.53 6.35 29.30
CA MET D 23 -6.31 4.96 28.89
C MET D 23 -7.40 4.51 27.95
N GLN D 24 -8.65 4.86 28.24
CA GLN D 24 -9.77 4.44 27.38
C GLN D 24 -9.77 5.22 26.07
N ASN D 25 -9.71 6.55 26.14
CA ASN D 25 -9.98 7.37 24.97
C ASN D 25 -8.75 7.64 24.11
N VAL D 26 -7.56 7.41 24.62
CA VAL D 26 -6.33 7.61 23.88
C VAL D 26 -5.56 6.30 23.69
N VAL D 27 -5.28 5.59 24.78
CA VAL D 27 -4.38 4.44 24.68
C VAL D 27 -5.09 3.27 23.99
N VAL D 28 -6.26 2.87 24.49
CA VAL D 28 -6.98 1.74 23.89
C VAL D 28 -7.51 2.11 22.50
N LYS D 29 -7.97 3.35 22.34
CA LYS D 29 -8.50 3.75 21.05
C LYS D 29 -7.45 3.59 19.96
N THR D 30 -6.22 4.11 20.19
CA THR D 30 -5.21 3.99 19.14
C THR D 30 -4.69 2.56 19.03
N LEU D 31 -4.56 1.84 20.14
CA LEU D 31 -4.09 0.46 20.04
C LEU D 31 -5.10 -0.42 19.31
N TRP D 32 -6.41 -0.20 19.54
CA TRP D 32 -7.43 -1.06 18.94
C TRP D 32 -7.39 -1.00 17.41
N LYS D 33 -7.14 0.18 16.84
CA LYS D 33 -7.11 0.34 15.39
C LYS D 33 -5.78 -0.07 14.78
N HIS D 34 -4.79 -0.48 15.57
CA HIS D 34 -3.51 -0.92 15.02
C HIS D 34 -3.67 -2.22 14.24
N GLN D 35 -2.85 -2.37 13.19
CA GLN D 35 -2.91 -3.54 12.32
C GLN D 35 -2.60 -4.83 13.06
N PHE D 36 -1.81 -4.77 14.13
CA PHE D 36 -1.41 -5.96 14.86
C PHE D 36 -2.18 -6.15 16.17
N ALA D 37 -3.30 -5.45 16.36
CA ALA D 37 -4.01 -5.56 17.64
C ALA D 37 -4.90 -6.79 17.73
N TRP D 38 -5.41 -7.28 16.59
CA TRP D 38 -6.50 -8.26 16.61
C TRP D 38 -6.24 -9.53 17.42
N PRO D 39 -5.02 -10.05 17.57
CA PRO D 39 -4.86 -11.22 18.47
C PRO D 39 -5.16 -10.91 19.94
N PHE D 40 -5.27 -9.64 20.32
CA PHE D 40 -5.46 -9.25 21.71
C PHE D 40 -6.87 -8.73 21.98
N TYR D 41 -7.78 -8.86 21.01
CA TYR D 41 -9.13 -8.32 21.14
C TYR D 41 -10.00 -9.10 22.13
N GLN D 42 -9.68 -10.35 22.39
CA GLN D 42 -10.57 -11.16 23.20
C GLN D 42 -9.75 -12.20 23.92
N PRO D 43 -10.28 -12.81 24.99
CA PRO D 43 -9.51 -13.78 25.76
C PRO D 43 -9.10 -14.98 24.91
N VAL D 44 -7.93 -15.53 25.23
CA VAL D 44 -7.46 -16.75 24.59
C VAL D 44 -8.36 -17.92 25.02
N ASP D 45 -9.03 -18.56 24.06
CA ASP D 45 -9.81 -19.77 24.32
C ASP D 45 -8.92 -20.95 23.96
N ALA D 46 -8.27 -21.53 24.97
CA ALA D 46 -7.27 -22.57 24.71
C ALA D 46 -7.89 -23.88 24.21
N ILE D 47 -9.18 -24.11 24.43
CA ILE D 47 -9.81 -25.29 23.85
C ILE D 47 -10.12 -25.05 22.39
N LYS D 48 -10.79 -23.93 22.09
CA LYS D 48 -11.16 -23.63 20.71
C LYS D 48 -9.93 -23.52 19.82
N LEU D 49 -8.85 -22.86 20.31
CA LEU D 49 -7.66 -22.67 19.50
C LEU D 49 -6.67 -23.84 19.59
N ASN D 50 -6.98 -24.87 20.37
CA ASN D 50 -6.13 -26.05 20.47
C ASN D 50 -4.74 -25.69 20.99
N LEU D 51 -4.71 -25.14 22.22
CA LEU D 51 -3.47 -24.80 22.93
C LEU D 51 -3.52 -25.54 24.27
N PRO D 52 -3.25 -26.84 24.27
CA PRO D 52 -3.51 -27.65 25.49
C PRO D 52 -2.65 -27.27 26.71
N ASP D 53 -1.59 -26.51 26.54
CA ASP D 53 -0.74 -26.15 27.66
C ASP D 53 -0.88 -24.69 28.07
N TYR D 54 -1.85 -23.97 27.50
CA TYR D 54 -1.94 -22.53 27.72
C TYR D 54 -2.18 -22.20 29.19
N HIS D 55 -3.20 -22.82 29.80
CA HIS D 55 -3.55 -22.46 31.17
C HIS D 55 -2.58 -23.06 32.17
N LYS D 56 -1.81 -24.07 31.78
CA LYS D 56 -0.73 -24.56 32.63
C LYS D 56 0.41 -23.54 32.74
N ILE D 57 0.68 -22.83 31.65
CA ILE D 57 1.75 -21.85 31.62
C ILE D 57 1.26 -20.46 32.01
N ILE D 58 0.04 -20.09 31.64
CA ILE D 58 -0.47 -18.74 31.84
C ILE D 58 -1.53 -18.85 32.92
N LYS D 59 -1.19 -18.43 34.14
CA LYS D 59 -2.15 -18.59 35.23
C LYS D 59 -3.18 -17.47 35.27
N ASN D 60 -2.85 -16.28 34.79
CA ASN D 60 -3.73 -15.11 34.88
C ASN D 60 -3.93 -14.49 33.50
N PRO D 61 -4.90 -15.01 32.73
CA PRO D 61 -5.15 -14.49 31.37
C PRO D 61 -5.60 -13.04 31.42
N MET D 62 -5.24 -12.28 30.38
CA MET D 62 -5.73 -10.93 30.20
C MET D 62 -5.65 -10.58 28.72
N ASP D 63 -6.59 -9.76 28.28
CA ASP D 63 -6.67 -9.36 26.88
C ASP D 63 -7.20 -7.94 26.81
N MET D 64 -7.04 -7.31 25.65
CA MET D 64 -7.39 -5.90 25.54
C MET D 64 -8.90 -5.68 25.50
N GLY D 65 -9.68 -6.67 25.03
CA GLY D 65 -11.13 -6.57 25.14
C GLY D 65 -11.59 -6.48 26.57
N THR D 66 -11.03 -7.31 27.45
CA THR D 66 -11.38 -7.25 28.86
C THR D 66 -10.97 -5.92 29.48
N ILE D 67 -9.79 -5.42 29.11
CA ILE D 67 -9.34 -4.12 29.61
C ILE D 67 -10.30 -3.03 29.16
N LYS D 68 -10.68 -3.05 27.88
CA LYS D 68 -11.58 -2.02 27.36
C LYS D 68 -12.92 -2.07 28.08
N LYS D 69 -13.44 -3.27 28.34
CA LYS D 69 -14.70 -3.39 29.07
C LYS D 69 -14.57 -2.87 30.49
N ARG D 70 -13.47 -3.18 31.18
CA ARG D 70 -13.28 -2.70 32.54
C ARG D 70 -13.22 -1.18 32.58
N LEU D 71 -12.57 -0.55 31.59
CA LEU D 71 -12.55 0.90 31.51
C LEU D 71 -13.96 1.46 31.30
N GLU D 72 -14.70 0.88 30.36
CA GLU D 72 -16.04 1.37 30.04
C GLU D 72 -17.01 1.17 31.20
N ASN D 73 -16.77 0.16 32.03
CA ASN D 73 -17.65 -0.16 33.15
C ASN D 73 -17.12 0.34 34.47
N ASN D 74 -16.10 1.20 34.47
CA ASN D 74 -15.54 1.80 35.68
C ASN D 74 -15.20 0.74 36.73
N TYR D 75 -14.55 -0.32 36.27
CA TYR D 75 -14.10 -1.39 37.14
C TYR D 75 -12.92 -0.95 38.00
N TYR D 76 -12.02 -0.16 37.43
CA TYR D 76 -10.77 0.17 38.10
C TYR D 76 -10.94 1.29 39.12
N TRP D 77 -10.20 1.18 40.22
CA TRP D 77 -10.06 2.30 41.14
C TRP D 77 -9.08 3.34 40.62
N SER D 78 -8.02 2.88 39.96
CA SER D 78 -6.92 3.73 39.55
C SER D 78 -6.36 3.25 38.21
N ALA D 79 -5.82 4.19 37.45
CA ALA D 79 -5.14 3.83 36.21
C ALA D 79 -3.97 2.89 36.43
N SER D 80 -3.38 2.87 37.64
CA SER D 80 -2.28 1.95 37.90
C SER D 80 -2.75 0.50 37.75
N GLU D 81 -4.02 0.23 38.08
CA GLU D 81 -4.56 -1.12 37.93
C GLU D 81 -4.76 -1.49 36.47
N CYS D 82 -5.16 -0.52 35.64
CA CYS D 82 -5.28 -0.81 34.21
C CYS D 82 -3.90 -1.10 33.63
N MET D 83 -2.90 -0.33 34.05
CA MET D 83 -1.53 -0.58 33.62
C MET D 83 -1.09 -2.00 33.96
N GLN D 84 -1.43 -2.50 35.15
CA GLN D 84 -1.05 -3.86 35.52
C GLN D 84 -1.70 -4.88 34.59
N ASP D 85 -2.98 -4.70 34.27
CA ASP D 85 -3.63 -5.59 33.31
C ASP D 85 -2.93 -5.56 31.96
N PHE D 86 -2.60 -4.36 31.45
CA PHE D 86 -1.82 -4.30 30.22
C PHE D 86 -0.50 -5.06 30.37
N ASN D 87 0.19 -4.90 31.51
CA ASN D 87 1.42 -5.65 31.74
C ASN D 87 1.15 -7.15 31.73
N THR D 88 0.05 -7.59 32.34
CA THR D 88 -0.27 -9.01 32.31
C THR D 88 -0.49 -9.49 30.87
N MET D 89 -1.21 -8.71 30.07
CA MET D 89 -1.49 -9.12 28.69
C MET D 89 -0.21 -9.26 27.87
N PHE D 90 0.64 -8.23 27.89
CA PHE D 90 1.87 -8.29 27.10
C PHE D 90 2.78 -9.40 27.61
N THR D 91 3.00 -9.43 28.92
N THR D 91 3.04 -9.45 28.91
CA THR D 91 3.92 -10.40 29.51
CA THR D 91 4.00 -10.44 29.38
C THR D 91 3.44 -11.83 29.28
C THR D 91 3.45 -11.87 29.27
N ASN D 92 2.12 -12.06 29.33
CA ASN D 92 1.59 -13.39 29.04
C ASN D 92 2.01 -13.86 27.66
N CYS D 93 1.95 -12.95 26.70
CA CYS D 93 2.32 -13.28 25.31
C CYS D 93 3.78 -13.70 25.20
N TYR D 94 4.69 -12.94 25.85
CA TYR D 94 6.11 -13.27 25.83
C TYR D 94 6.41 -14.55 26.61
N ILE D 95 5.64 -14.83 27.66
CA ILE D 95 5.88 -16.04 28.46
C ILE D 95 5.43 -17.28 27.71
N TYR D 96 4.27 -17.21 27.07
CA TYR D 96 3.72 -18.40 26.42
C TYR D 96 4.44 -18.72 25.11
N ASN D 97 4.68 -17.72 24.28
CA ASN D 97 5.17 -17.88 22.91
C ASN D 97 6.70 -17.77 22.81
N LYS D 98 7.25 -18.31 21.70
CA LYS D 98 8.67 -18.20 21.44
C LYS D 98 9.02 -16.78 20.97
N PRO D 99 10.24 -16.31 21.23
CA PRO D 99 10.57 -14.92 20.84
C PRO D 99 10.59 -14.70 19.35
N THR D 100 10.67 -15.78 18.58
CA THR D 100 10.63 -15.76 17.14
C THR D 100 9.21 -15.88 16.58
N ASP D 101 8.21 -16.22 17.39
CA ASP D 101 6.85 -16.33 16.89
C ASP D 101 6.34 -14.98 16.42
N ASP D 102 5.52 -15.01 15.37
CA ASP D 102 4.96 -13.79 14.80
C ASP D 102 4.15 -12.99 15.84
N ILE D 103 3.37 -13.69 16.67
CA ILE D 103 2.51 -12.97 17.61
C ILE D 103 3.34 -12.15 18.59
N VAL D 104 4.56 -12.63 18.92
CA VAL D 104 5.44 -11.90 19.82
C VAL D 104 5.97 -10.64 19.15
N LEU D 105 6.28 -10.71 17.86
CA LEU D 105 6.70 -9.49 17.17
C LEU D 105 5.56 -8.50 17.06
N MET D 106 4.34 -9.01 16.89
CA MET D 106 3.18 -8.13 16.89
C MET D 106 2.98 -7.48 18.26
N ALA D 107 3.08 -8.27 19.33
CA ALA D 107 2.99 -7.71 20.68
C ALA D 107 4.03 -6.62 20.88
N GLN D 108 5.27 -6.85 20.42
CA GLN D 108 6.32 -5.85 20.62
C GLN D 108 6.00 -4.55 19.90
N ALA D 109 5.54 -4.63 18.65
CA ALA D 109 5.17 -3.42 17.93
C ALA D 109 4.03 -2.69 18.63
N LEU D 110 3.02 -3.44 19.10
CA LEU D 110 1.92 -2.83 19.81
C LEU D 110 2.37 -2.21 21.12
N GLU D 111 3.28 -2.87 21.82
CA GLU D 111 3.74 -2.36 23.11
C GLU D 111 4.53 -1.06 22.93
N LYS D 112 5.25 -0.94 21.82
CA LYS D 112 5.96 0.31 21.50
C LYS D 112 5.00 1.49 21.44
N ILE D 113 3.88 1.31 20.71
CA ILE D 113 2.84 2.33 20.65
C ILE D 113 2.31 2.61 22.05
N PHE D 114 2.00 1.54 22.79
CA PHE D 114 1.51 1.65 24.17
C PHE D 114 2.41 2.54 25.03
N LEU D 115 3.72 2.27 25.05
CA LEU D 115 4.63 3.10 25.81
C LEU D 115 4.64 4.54 25.32
N GLN D 116 4.62 4.74 24.00
CA GLN D 116 4.57 6.09 23.44
C GLN D 116 3.38 6.86 23.99
N LYS D 117 2.20 6.25 23.95
CA LYS D 117 0.98 6.95 24.34
C LYS D 117 0.93 7.20 25.84
N VAL D 118 1.23 6.19 26.66
CA VAL D 118 1.11 6.40 28.10
C VAL D 118 2.13 7.42 28.60
N ALA D 119 3.20 7.67 27.85
CA ALA D 119 4.16 8.69 28.27
C ALA D 119 3.54 10.09 28.26
N GLN D 120 2.47 10.30 27.50
CA GLN D 120 1.79 11.58 27.45
C GLN D 120 0.57 11.62 28.37
N MET D 121 0.41 10.62 29.22
CA MET D 121 -0.70 10.61 30.17
C MET D 121 -0.56 11.75 31.17
N PRO D 122 -1.68 12.35 31.61
CA PRO D 122 -1.62 13.36 32.67
C PRO D 122 -0.87 12.87 33.89
N GLN D 123 -0.11 13.77 34.52
CA GLN D 123 0.71 13.38 35.66
C GLN D 123 -0.11 13.20 36.93
N GLU D 124 -1.16 13.99 37.11
CA GLU D 124 -2.03 13.92 38.27
C GLU D 124 -3.25 13.07 37.94
N GLU D 125 -3.55 12.09 38.79
CA GLU D 125 -4.79 11.34 38.65
C GLU D 125 -5.87 11.96 39.52
N VAL D 126 -6.90 12.50 38.88
CA VAL D 126 -7.98 13.15 39.60
C VAL D 126 -9.29 12.57 39.13
N GLU D 127 -10.24 12.47 40.07
CA GLU D 127 -11.55 11.97 39.70
C GLU D 127 -12.24 12.97 38.78
N LEU D 128 -13.07 12.43 37.88
CA LEU D 128 -13.92 13.28 37.05
C LEU D 128 -15.29 13.37 37.70
N ARG E 15 6.82 -30.55 -16.85
CA ARG E 15 7.80 -29.82 -17.66
C ARG E 15 7.81 -28.32 -17.32
N LYS E 16 8.62 -27.54 -18.03
CA LYS E 16 8.66 -26.10 -17.85
C LYS E 16 8.17 -25.40 -19.11
N THR E 17 7.30 -24.41 -18.95
CA THR E 17 6.85 -23.55 -20.04
C THR E 17 6.95 -22.10 -19.61
N ASN E 18 6.91 -21.20 -20.59
CA ASN E 18 7.01 -19.76 -20.28
C ASN E 18 5.91 -19.34 -19.34
N GLN E 19 4.69 -19.81 -19.60
CA GLN E 19 3.55 -19.52 -18.74
C GLN E 19 3.74 -20.10 -17.35
N LEU E 20 4.27 -21.31 -17.26
CA LEU E 20 4.44 -21.91 -15.94
C LEU E 20 5.54 -21.18 -15.17
N GLN E 21 6.61 -20.77 -15.85
CA GLN E 21 7.61 -19.92 -15.23
C GLN E 21 7.01 -18.60 -14.77
N TYR E 22 6.12 -18.02 -15.59
CA TYR E 22 5.42 -16.80 -15.18
C TYR E 22 4.56 -17.06 -13.94
N MET E 23 3.86 -18.19 -13.90
CA MET E 23 3.10 -18.55 -12.70
C MET E 23 3.99 -18.56 -11.47
N GLN E 24 5.18 -19.15 -11.59
CA GLN E 24 6.08 -19.26 -10.43
C GLN E 24 6.70 -17.91 -10.11
N ASN E 25 7.26 -17.23 -11.11
CA ASN E 25 8.11 -16.09 -10.81
C ASN E 25 7.39 -14.74 -10.87
N VAL E 26 6.16 -14.68 -11.38
CA VAL E 26 5.34 -13.49 -11.29
C VAL E 26 4.14 -13.70 -10.37
N VAL E 27 3.32 -14.71 -10.66
CA VAL E 27 2.08 -14.87 -9.89
C VAL E 27 2.39 -15.26 -8.45
N VAL E 28 3.06 -16.40 -8.27
CA VAL E 28 3.31 -16.88 -6.90
C VAL E 28 4.17 -15.89 -6.12
N LYS E 29 5.22 -15.34 -6.76
CA LYS E 29 6.04 -14.32 -6.10
C LYS E 29 5.19 -13.15 -5.62
N THR E 30 4.32 -12.63 -6.49
CA THR E 30 3.49 -11.48 -6.15
C THR E 30 2.52 -11.81 -5.03
N LEU E 31 1.82 -12.94 -5.13
CA LEU E 31 0.86 -13.30 -4.09
C LEU E 31 1.56 -13.56 -2.77
N TRP E 32 2.71 -14.24 -2.81
CA TRP E 32 3.36 -14.67 -1.57
C TRP E 32 3.74 -13.49 -0.70
N LYS E 33 4.11 -12.38 -1.31
CA LYS E 33 4.55 -11.22 -0.55
C LYS E 33 3.41 -10.33 -0.09
N HIS E 34 2.19 -10.61 -0.54
CA HIS E 34 1.03 -9.87 -0.08
C HIS E 34 0.80 -10.07 1.42
N GLN E 35 0.39 -8.99 2.08
CA GLN E 35 0.11 -9.02 3.51
C GLN E 35 -1.01 -10.00 3.90
N PHE E 36 -1.89 -10.40 2.96
CA PHE E 36 -3.01 -11.27 3.29
C PHE E 36 -2.77 -12.72 2.89
N ALA E 37 -1.56 -13.03 2.43
CA ALA E 37 -1.28 -14.33 1.84
C ALA E 37 -0.99 -15.40 2.88
N TRP E 38 -0.58 -15.03 4.09
CA TRP E 38 -0.05 -16.02 5.01
C TRP E 38 -1.02 -17.14 5.43
N PRO E 39 -2.36 -16.98 5.43
CA PRO E 39 -3.23 -18.17 5.67
C PRO E 39 -3.14 -19.21 4.59
N PHE E 40 -2.54 -18.91 3.44
CA PHE E 40 -2.56 -19.83 2.31
C PHE E 40 -1.20 -20.42 2.02
N TYR E 41 -0.22 -20.21 2.92
CA TYR E 41 1.13 -20.71 2.70
C TYR E 41 1.24 -22.22 2.87
N GLN E 42 0.35 -22.85 3.62
CA GLN E 42 0.46 -24.28 3.90
C GLN E 42 -0.91 -24.91 3.86
N PRO E 43 -1.00 -26.24 3.70
CA PRO E 43 -2.30 -26.92 3.73
C PRO E 43 -3.04 -26.65 5.04
N VAL E 44 -4.36 -26.44 4.93
CA VAL E 44 -5.16 -26.32 6.14
C VAL E 44 -4.99 -27.58 6.97
N ASP E 45 -4.49 -27.44 8.18
CA ASP E 45 -4.29 -28.58 9.07
C ASP E 45 -5.52 -28.65 9.97
N ALA E 46 -6.50 -29.48 9.56
CA ALA E 46 -7.79 -29.51 10.23
C ALA E 46 -7.68 -30.00 11.66
N ILE E 47 -6.81 -30.95 11.92
CA ILE E 47 -6.63 -31.42 13.29
C ILE E 47 -6.01 -30.33 14.17
N LYS E 48 -4.88 -29.76 13.74
CA LYS E 48 -4.20 -28.77 14.56
C LYS E 48 -5.04 -27.52 14.77
N LEU E 49 -5.73 -27.06 13.74
CA LEU E 49 -6.56 -25.86 13.82
C LEU E 49 -7.97 -26.10 14.37
N ASN E 50 -8.30 -27.34 14.73
CA ASN E 50 -9.61 -27.67 15.31
C ASN E 50 -10.75 -27.33 14.34
N LEU E 51 -10.74 -28.00 13.18
CA LEU E 51 -11.74 -27.79 12.12
C LEU E 51 -12.35 -29.14 11.75
N PRO E 52 -13.25 -29.68 12.58
CA PRO E 52 -13.61 -31.11 12.45
C PRO E 52 -14.47 -31.46 11.23
N ASP E 53 -15.13 -30.51 10.57
CA ASP E 53 -15.88 -30.83 9.36
C ASP E 53 -15.15 -30.45 8.08
N TYR E 54 -13.88 -30.02 8.19
CA TYR E 54 -13.22 -29.42 7.05
C TYR E 54 -13.10 -30.40 5.86
N HIS E 55 -12.66 -31.62 6.13
CA HIS E 55 -12.43 -32.55 5.03
C HIS E 55 -13.71 -33.23 4.54
N LYS E 56 -14.79 -33.16 5.33
CA LYS E 56 -16.09 -33.60 4.84
C LYS E 56 -16.60 -32.70 3.74
N ILE E 57 -16.36 -31.39 3.88
CA ILE E 57 -16.85 -30.40 2.93
C ILE E 57 -15.84 -30.12 1.84
N ILE E 58 -14.56 -30.03 2.19
CA ILE E 58 -13.48 -29.69 1.25
C ILE E 58 -12.78 -30.99 0.90
N LYS E 59 -13.12 -31.54 -0.25
CA LYS E 59 -12.59 -32.82 -0.70
C LYS E 59 -11.36 -32.68 -1.58
N ASN E 60 -11.09 -31.48 -2.12
CA ASN E 60 -9.87 -31.19 -2.89
C ASN E 60 -9.16 -30.01 -2.26
N PRO E 61 -8.47 -30.21 -1.12
CA PRO E 61 -7.74 -29.10 -0.49
C PRO E 61 -6.59 -28.61 -1.35
N MET E 62 -6.33 -27.30 -1.28
CA MET E 62 -5.25 -26.69 -2.05
C MET E 62 -4.78 -25.43 -1.35
N ASP E 63 -3.49 -25.15 -1.49
CA ASP E 63 -2.81 -24.03 -0.84
C ASP E 63 -1.65 -23.61 -1.73
N MET E 64 -1.18 -22.37 -1.52
CA MET E 64 -0.12 -21.83 -2.37
C MET E 64 1.21 -22.54 -2.16
N GLY E 65 1.48 -23.07 -0.97
CA GLY E 65 2.68 -23.86 -0.76
C GLY E 65 2.72 -25.11 -1.64
N THR E 66 1.59 -25.81 -1.71
CA THR E 66 1.51 -26.97 -2.60
C THR E 66 1.62 -26.56 -4.06
N ILE E 67 0.96 -25.47 -4.45
CA ILE E 67 1.09 -24.97 -5.82
C ILE E 67 2.55 -24.61 -6.12
N LYS E 68 3.18 -23.87 -5.20
CA LYS E 68 4.57 -23.47 -5.40
C LYS E 68 5.48 -24.68 -5.54
N LYS E 69 5.28 -25.67 -4.67
CA LYS E 69 6.03 -26.92 -4.76
C LYS E 69 5.81 -27.62 -6.10
N ARG E 70 4.56 -27.60 -6.59
CA ARG E 70 4.24 -28.29 -7.83
C ARG E 70 4.90 -27.63 -9.03
N LEU E 71 4.97 -26.29 -9.03
CA LEU E 71 5.69 -25.60 -10.08
C LEU E 71 7.18 -25.90 -10.02
N GLU E 72 7.78 -25.84 -8.82
CA GLU E 72 9.21 -26.10 -8.65
C GLU E 72 9.58 -27.49 -9.17
N ASN E 73 8.71 -28.47 -8.96
CA ASN E 73 9.03 -29.84 -9.33
C ASN E 73 8.45 -30.23 -10.68
N ASN E 74 8.08 -29.25 -11.50
CA ASN E 74 7.55 -29.51 -12.84
C ASN E 74 6.35 -30.46 -12.80
N TYR E 75 5.53 -30.32 -11.76
CA TYR E 75 4.35 -31.18 -11.66
C TYR E 75 3.39 -30.95 -12.81
N TYR E 76 3.16 -29.68 -13.18
CA TYR E 76 2.15 -29.35 -14.16
C TYR E 76 2.66 -29.54 -15.58
N TRP E 77 1.77 -29.94 -16.46
CA TRP E 77 2.09 -29.89 -17.89
C TRP E 77 1.81 -28.52 -18.49
N SER E 78 0.77 -27.83 -18.02
CA SER E 78 0.35 -26.56 -18.57
C SER E 78 -0.04 -25.60 -17.46
N ALA E 79 0.11 -24.29 -17.72
CA ALA E 79 -0.28 -23.29 -16.73
C ALA E 79 -1.78 -23.32 -16.43
N SER E 80 -2.60 -23.84 -17.35
CA SER E 80 -4.04 -23.90 -17.10
C SER E 80 -4.35 -24.77 -15.87
N GLU E 81 -3.56 -25.82 -15.64
CA GLU E 81 -3.77 -26.68 -14.48
C GLU E 81 -3.44 -25.96 -13.19
N CYS E 82 -2.38 -25.15 -13.20
CA CYS E 82 -1.99 -24.36 -12.05
C CYS E 82 -3.05 -23.31 -11.71
N MET E 83 -3.62 -22.67 -12.74
CA MET E 83 -4.73 -21.76 -12.51
C MET E 83 -5.92 -22.47 -11.87
N GLN E 84 -6.17 -23.72 -12.27
CA GLN E 84 -7.24 -24.47 -11.63
C GLN E 84 -6.94 -24.73 -10.16
N ASP E 85 -5.67 -24.97 -9.81
CA ASP E 85 -5.33 -25.14 -8.40
C ASP E 85 -5.57 -23.86 -7.62
N PHE E 86 -5.25 -22.70 -8.22
CA PHE E 86 -5.50 -21.44 -7.54
C PHE E 86 -7.00 -21.22 -7.34
N ASN E 87 -7.81 -21.48 -8.36
CA ASN E 87 -9.25 -21.30 -8.20
C ASN E 87 -9.80 -22.25 -7.13
N THR E 88 -9.31 -23.48 -7.10
CA THR E 88 -9.71 -24.42 -6.08
C THR E 88 -9.40 -23.90 -4.68
N MET E 89 -8.16 -23.42 -4.49
CA MET E 89 -7.78 -22.83 -3.21
C MET E 89 -8.75 -21.72 -2.76
N PHE E 90 -9.09 -20.80 -3.68
CA PHE E 90 -9.96 -19.70 -3.27
C PHE E 90 -11.37 -20.19 -2.98
N THR E 91 -11.92 -21.02 -3.88
CA THR E 91 -13.31 -21.43 -3.70
C THR E 91 -13.49 -22.31 -2.46
N ASN E 92 -12.47 -23.11 -2.11
CA ASN E 92 -12.52 -23.84 -0.84
C ASN E 92 -12.75 -22.88 0.32
N CYS E 93 -12.03 -21.76 0.31
CA CYS E 93 -12.15 -20.80 1.39
C CYS E 93 -13.55 -20.20 1.42
N TYR E 94 -14.10 -19.86 0.27
CA TYR E 94 -15.46 -19.28 0.18
C TYR E 94 -16.53 -20.29 0.59
N ILE E 95 -16.31 -21.58 0.32
CA ILE E 95 -17.29 -22.60 0.69
C ILE E 95 -17.25 -22.91 2.18
N TYR E 96 -16.05 -23.00 2.77
CA TYR E 96 -15.96 -23.50 4.14
C TYR E 96 -16.30 -22.43 5.17
N ASN E 97 -15.93 -21.19 4.91
CA ASN E 97 -16.04 -20.13 5.89
C ASN E 97 -17.32 -19.32 5.67
N LYS E 98 -17.68 -18.53 6.68
CA LYS E 98 -18.85 -17.69 6.55
C LYS E 98 -18.54 -16.47 5.70
N PRO E 99 -19.53 -15.95 4.97
CA PRO E 99 -19.25 -14.87 4.00
C PRO E 99 -18.60 -13.65 4.60
N THR E 100 -18.73 -13.43 5.91
CA THR E 100 -18.20 -12.25 6.56
C THR E 100 -16.95 -12.53 7.38
N ASP E 101 -16.46 -13.78 7.36
CA ASP E 101 -15.20 -14.09 8.02
C ASP E 101 -14.06 -13.29 7.40
N ASP E 102 -13.09 -12.92 8.23
CA ASP E 102 -11.96 -12.14 7.73
C ASP E 102 -11.17 -12.90 6.66
N ILE E 103 -10.98 -14.21 6.84
CA ILE E 103 -10.18 -14.97 5.86
C ILE E 103 -10.83 -14.92 4.48
N VAL E 104 -12.17 -14.83 4.42
CA VAL E 104 -12.84 -14.70 3.14
C VAL E 104 -12.50 -13.37 2.48
N LEU E 105 -12.42 -12.30 3.28
CA LEU E 105 -12.04 -11.00 2.73
C LEU E 105 -10.58 -11.01 2.25
N MET E 106 -9.70 -11.66 3.02
CA MET E 106 -8.32 -11.82 2.59
C MET E 106 -8.23 -12.59 1.28
N ALA E 107 -8.98 -13.69 1.16
CA ALA E 107 -8.93 -14.50 -0.05
C ALA E 107 -9.44 -13.72 -1.26
N GLN E 108 -10.47 -12.89 -1.06
CA GLN E 108 -11.01 -12.10 -2.16
C GLN E 108 -9.99 -11.05 -2.63
N ALA E 109 -9.22 -10.50 -1.70
CA ALA E 109 -8.17 -9.57 -2.07
C ALA E 109 -7.05 -10.28 -2.85
N LEU E 110 -6.64 -11.46 -2.38
CA LEU E 110 -5.64 -12.21 -3.14
C LEU E 110 -6.18 -12.61 -4.51
N GLU E 111 -7.44 -13.04 -4.58
CA GLU E 111 -7.99 -13.52 -5.84
C GLU E 111 -8.00 -12.42 -6.89
N LYS E 112 -8.28 -11.19 -6.46
CA LYS E 112 -8.32 -10.07 -7.40
C LYS E 112 -6.94 -9.81 -7.99
N ILE E 113 -5.90 -9.93 -7.18
CA ILE E 113 -4.53 -9.79 -7.67
C ILE E 113 -4.16 -10.96 -8.56
N PHE E 114 -4.48 -12.19 -8.13
CA PHE E 114 -4.24 -13.37 -8.95
C PHE E 114 -4.82 -13.21 -10.35
N LEU E 115 -6.08 -12.77 -10.44
CA LEU E 115 -6.74 -12.63 -11.74
C LEU E 115 -6.11 -11.51 -12.55
N GLN E 116 -5.66 -10.44 -11.89
CA GLN E 116 -4.95 -9.38 -12.58
C GLN E 116 -3.64 -9.89 -13.18
N LYS E 117 -2.84 -10.58 -12.37
CA LYS E 117 -1.54 -11.06 -12.81
C LYS E 117 -1.70 -12.13 -13.89
N VAL E 118 -2.74 -12.95 -13.78
CA VAL E 118 -2.98 -13.97 -14.80
C VAL E 118 -3.47 -13.35 -16.11
N ALA E 119 -4.24 -12.26 -16.03
CA ALA E 119 -4.67 -11.60 -17.25
C ALA E 119 -3.50 -10.98 -18.03
N GLN E 120 -2.37 -10.72 -17.37
CA GLN E 120 -1.17 -10.14 -17.97
C GLN E 120 -0.22 -11.19 -18.54
N MET E 121 -0.51 -12.47 -18.35
CA MET E 121 0.36 -13.53 -18.80
C MET E 121 0.42 -13.56 -20.33
N PRO E 122 1.54 -13.98 -20.90
CA PRO E 122 1.59 -14.26 -22.34
C PRO E 122 0.52 -15.28 -22.71
N GLN E 123 -0.27 -14.96 -23.73
CA GLN E 123 -1.30 -15.90 -24.15
C GLN E 123 -0.73 -17.08 -24.94
N GLU E 124 0.57 -17.05 -25.26
CA GLU E 124 1.22 -18.13 -26.00
C GLU E 124 2.00 -19.00 -25.01
N GLU E 125 1.72 -20.31 -25.01
CA GLU E 125 2.43 -21.22 -24.12
C GLU E 125 3.52 -21.93 -24.91
N VAL E 126 4.74 -21.88 -24.39
CA VAL E 126 5.93 -22.26 -25.12
C VAL E 126 6.78 -23.14 -24.22
N GLU E 127 7.16 -24.31 -24.72
CA GLU E 127 8.02 -25.18 -23.94
C GLU E 127 9.43 -24.63 -23.93
N LEU E 128 10.04 -24.61 -22.75
CA LEU E 128 11.44 -24.25 -22.65
C LEU E 128 12.00 -24.82 -21.36
N GLU F 2 -12.01 -14.84 12.52
N GLU F 2 2.87 -20.90 11.93
CA GLU F 2 -11.83 -14.81 13.97
CA GLU F 2 1.80 -19.92 11.91
C GLU F 2 -11.04 -16.02 14.45
C GLU F 2 0.54 -20.41 12.65
N ALA F 3 -11.78 -17.06 14.82
N ALA F 3 0.70 -21.46 13.46
CA ALA F 3 -11.19 -18.27 15.40
CA ALA F 3 -0.45 -22.16 14.01
C ALA F 3 -10.16 -18.88 14.45
C ALA F 3 -1.31 -21.23 14.87
N LEU F 4 -10.57 -19.15 13.21
N LEU F 4 -0.70 -20.55 15.84
CA LEU F 4 -9.69 -19.81 12.26
CA LEU F 4 -1.49 -19.78 16.80
C LEU F 4 -8.35 -19.06 12.11
C LEU F 4 -2.29 -18.67 16.12
N LEU F 5 -8.40 -17.75 11.87
N LEU F 5 -1.64 -17.87 15.28
CA LEU F 5 -7.17 -16.98 11.70
CA LEU F 5 -2.35 -16.77 14.64
C LEU F 5 -6.36 -16.89 12.99
C LEU F 5 -3.35 -17.27 13.60
N LEU F 6 -7.04 -16.85 14.14
N LEU F 6 -3.05 -18.37 12.92
CA LEU F 6 -6.33 -16.91 15.42
CA LEU F 6 -4.03 -18.96 12.01
C LEU F 6 -5.59 -18.24 15.56
C LEU F 6 -5.26 -19.42 12.76
N ALA F 7 -6.22 -19.34 15.20
N ALA F 7 -5.08 -20.07 13.91
CA ALA F 7 -5.58 -20.64 15.26
CA ALA F 7 -6.20 -20.56 14.70
C ALA F 7 -4.40 -20.71 14.30
C ALA F 7 -7.07 -19.41 15.16
N LEU F 9 -2.50 -18.30 13.18
N LEU F 9 -7.34 -16.64 13.63
CA LEU F 9 -1.39 -17.48 13.69
CA LEU F 9 -8.01 -16.13 12.42
C LEU F 9 -0.59 -18.22 14.77
C LEU F 9 -9.28 -16.91 12.11
N TYR F 10 -1.32 -18.89 15.67
N TYR F 10 -9.17 -18.25 12.06
CA TYR F 10 -0.69 -19.62 16.77
CA TYR F 10 -10.33 -19.09 11.78
C TYR F 10 0.11 -20.81 16.24
C TYR F 10 -11.41 -18.91 12.83
N HIS F 11 -0.49 -21.60 15.37
N HIS F 11 -11.00 -18.77 14.08
CA HIS F 11 0.13 -22.79 14.82
CA HIS F 11 -11.94 -18.58 15.18
C HIS F 11 0.94 -22.49 13.57
C HIS F 11 -11.99 -17.10 15.54
N PHE F 12 1.18 -21.21 13.28
N PHE F 12 -12.55 -16.36 14.56
CA PHE F 12 1.84 -20.73 12.06
CA PHE F 12 -12.80 -14.90 14.53
C PHE F 12 3.18 -21.39 11.76
C PHE F 12 -11.87 -14.18 13.54
#